data_3OIC
#
_entry.id   3OIC
#
_cell.length_a   85.211
_cell.length_b   93.426
_cell.length_c   66.324
_cell.angle_alpha   90.00
_cell.angle_beta   90.00
_cell.angle_gamma   90.00
#
_symmetry.space_group_name_H-M   'P 21 21 2'
#
loop_
_entity.id
_entity.type
_entity.pdbx_description
1 polymer 'Enoyl-[acyl-carrier-protein] reductase [NADPH]'
2 non-polymer 'SULFATE ION'
3 water water
#
_entity_poly.entity_id   1
_entity_poly.type   'polypeptide(L)'
_entity_poly.pdbx_seq_one_letter_code
;MEQNKCALVTGSSRGVGKAAAIRLAENGYNIVINYARSKKAALETAEEIEKLGVKVLVVKANVGQPAKIKEMFQQIDETF
GRLDVFVNNAASGVLRPVMELEETHWDWTMNINAKALLFCAQEAAKLMEKNGGGHIVSISSLGSIRYLENYTTVGVSKAA
LEALTRYLAVELSPKQIIVNAVSGGAIDTDALKHFPNREDLLEDARQNTPAGRMVEIKDMVDTVEFLVSSKADMIRGQTI
IVDGGRSLLVLEHHHHHH
;
_entity_poly.pdbx_strand_id   A,D
#
# COMPACT_ATOMS: atom_id res chain seq x y z
N GLN A 3 7.76 34.61 24.72
CA GLN A 3 8.36 33.33 25.22
C GLN A 3 8.18 32.12 24.22
N ASN A 4 7.89 30.89 24.68
CA ASN A 4 8.07 29.63 23.89
C ASN A 4 7.33 29.40 22.57
N LYS A 5 7.93 28.56 21.73
CA LYS A 5 7.27 28.10 20.50
C LYS A 5 6.25 27.01 20.85
N CYS A 6 5.28 26.81 19.96
CA CYS A 6 4.20 25.84 20.14
C CYS A 6 4.18 24.70 19.06
N ALA A 7 4.08 23.45 19.54
CA ALA A 7 3.93 22.20 18.77
C ALA A 7 2.61 21.43 19.04
N LEU A 8 1.86 21.09 17.99
CA LEU A 8 0.70 20.22 18.07
C LEU A 8 1.15 18.86 17.61
N VAL A 9 0.84 17.81 18.38
CA VAL A 9 1.01 16.45 17.98
C VAL A 9 -0.38 15.73 18.08
N THR A 10 -0.85 15.17 16.96
CA THR A 10 -2.11 14.43 16.98
C THR A 10 -1.85 13.03 17.47
N GLY A 11 -2.85 12.36 18.06
CA GLY A 11 -2.71 10.97 18.52
C GLY A 11 -1.57 10.82 19.51
N SER A 12 -1.42 11.80 20.39
CA SER A 12 -0.26 11.79 21.29
C SER A 12 -0.51 11.46 22.77
N SER A 13 -1.55 10.68 23.06
CA SER A 13 -1.72 10.26 24.42
C SER A 13 -0.95 9.00 24.64
N ARG A 14 -0.51 8.41 23.55
CA ARG A 14 0.32 7.21 23.64
C ARG A 14 1.23 6.93 22.40
N GLY A 15 2.00 5.85 22.43
CA GLY A 15 2.76 5.41 21.26
C GLY A 15 3.72 6.45 20.68
N VAL A 16 3.68 6.66 19.38
CA VAL A 16 4.68 7.45 18.76
C VAL A 16 4.38 8.91 18.99
N GLY A 17 3.10 9.28 18.98
CA GLY A 17 2.68 10.65 19.25
C GLY A 17 3.28 11.12 20.58
N LYS A 18 3.09 10.30 21.61
CA LYS A 18 3.56 10.67 22.94
C LYS A 18 5.07 10.91 22.93
N ALA A 19 5.83 9.94 22.42
CA ALA A 19 7.27 10.09 22.36
C ALA A 19 7.67 11.34 21.55
N ALA A 20 6.96 11.62 20.46
CA ALA A 20 7.26 12.81 19.69
C ALA A 20 6.96 14.10 20.49
N ALA A 21 5.82 14.15 21.19
CA ALA A 21 5.48 15.31 22.02
C ALA A 21 6.43 15.49 23.24
N ILE A 22 6.91 14.36 23.75
CA ILE A 22 7.89 14.37 24.84
C ILE A 22 9.20 14.98 24.32
N ARG A 23 9.78 14.36 23.31
CA ARG A 23 10.96 14.91 22.68
C ARG A 23 10.86 16.41 22.39
N LEU A 24 9.77 16.84 21.81
CA LEU A 24 9.62 18.25 21.54
C LEU A 24 9.47 19.09 22.81
N ALA A 25 8.79 18.57 23.84
CA ALA A 25 8.73 19.27 25.10
C ALA A 25 10.14 19.46 25.66
N GLU A 26 10.99 18.44 25.49
CA GLU A 26 12.39 18.46 25.93
C GLU A 26 13.20 19.47 25.11
N ASN A 27 12.64 19.94 23.99
CA ASN A 27 13.36 20.89 23.18
C ASN A 27 12.78 22.27 23.38
N GLY A 28 11.83 22.34 24.32
CA GLY A 28 11.32 23.60 24.80
C GLY A 28 10.10 24.12 24.10
N TYR A 29 9.36 23.28 23.36
CA TYR A 29 8.04 23.70 22.84
C TYR A 29 6.97 23.57 23.90
N ASN A 30 6.04 24.54 23.98
CA ASN A 30 4.68 24.31 24.51
C ASN A 30 3.94 23.26 23.65
N ILE A 31 3.28 22.32 24.29
CA ILE A 31 2.70 21.19 23.61
C ILE A 31 1.16 21.17 23.66
N VAL A 32 0.57 20.89 22.49
CA VAL A 32 -0.85 20.54 22.41
C VAL A 32 -0.97 19.02 22.25
N ILE A 33 -1.51 18.34 23.27
CA ILE A 33 -1.80 16.90 23.20
C ILE A 33 -3.21 16.73 22.65
N ASN A 34 -3.32 15.90 21.60
CA ASN A 34 -4.62 15.60 21.03
C ASN A 34 -4.89 14.12 21.26
N TYR A 35 -6.10 13.79 21.65
CA TYR A 35 -6.43 12.38 21.87
C TYR A 35 -7.82 12.08 21.28
N ALA A 36 -8.03 10.84 20.84
CA ALA A 36 -9.38 10.37 20.50
C ALA A 36 -9.70 9.46 21.66
N ARG A 37 -10.93 9.48 22.18
CA ARG A 37 -11.31 8.71 23.41
C ARG A 37 -10.13 8.16 24.28
N SER A 38 -10.16 8.41 25.58
CA SER A 38 -9.09 7.94 26.48
C SER A 38 -8.43 9.14 27.13
N LYS A 39 -9.26 9.88 27.86
CA LYS A 39 -8.93 11.07 28.64
C LYS A 39 -7.83 10.76 29.65
N LYS A 40 -7.82 9.50 30.09
CA LYS A 40 -6.96 9.00 31.16
C LYS A 40 -5.49 9.09 30.76
N ALA A 41 -5.10 8.30 29.75
CA ALA A 41 -3.76 8.35 29.18
C ALA A 41 -3.34 9.79 28.81
N ALA A 42 -4.28 10.55 28.24
CA ALA A 42 -4.01 11.90 27.78
C ALA A 42 -3.60 12.83 28.90
N LEU A 43 -4.36 12.80 29.99
CA LEU A 43 -4.07 13.72 31.09
C LEU A 43 -2.80 13.26 31.85
N GLU A 44 -2.61 11.94 31.98
CA GLU A 44 -1.36 11.38 32.49
C GLU A 44 -0.22 11.95 31.67
N THR A 45 -0.39 11.89 30.35
CA THR A 45 0.66 12.34 29.48
C THR A 45 0.91 13.86 29.57
N ALA A 46 -0.15 14.64 29.72
CA ALA A 46 -0.02 16.07 29.89
C ALA A 46 0.77 16.38 31.14
N GLU A 47 0.53 15.60 32.21
CA GLU A 47 1.18 15.85 33.48
C GLU A 47 2.69 15.66 33.36
N GLU A 48 3.12 14.50 32.88
CA GLU A 48 4.50 14.26 32.48
C GLU A 48 5.12 15.41 31.71
N ILE A 49 4.46 15.84 30.65
CA ILE A 49 4.93 16.97 29.86
C ILE A 49 5.15 18.17 30.79
N GLU A 50 4.12 18.51 31.57
CA GLU A 50 4.17 19.69 32.40
C GLU A 50 5.33 19.68 33.36
N LYS A 51 5.79 18.49 33.74
CA LYS A 51 6.89 18.43 34.69
C LYS A 51 8.27 18.65 34.06
N LEU A 52 8.29 19.41 32.96
CA LEU A 52 9.56 19.79 32.33
C LEU A 52 9.59 21.29 32.13
N GLY A 53 8.74 22.02 32.86
CA GLY A 53 8.45 23.39 32.49
C GLY A 53 7.68 23.10 31.24
N VAL A 54 7.32 24.12 30.47
CA VAL A 54 6.52 23.90 29.26
C VAL A 54 5.05 23.78 29.62
N LYS A 55 4.27 24.66 29.04
CA LYS A 55 2.84 24.62 29.13
C LYS A 55 2.23 23.55 28.21
N VAL A 56 1.11 22.96 28.63
CA VAL A 56 0.38 21.95 27.84
C VAL A 56 -1.10 22.31 27.65
N LEU A 57 -1.67 21.89 26.52
CA LEU A 57 -3.11 21.94 26.32
C LEU A 57 -3.58 20.56 25.77
N VAL A 58 -4.71 20.08 26.32
CA VAL A 58 -5.28 18.79 25.96
C VAL A 58 -6.57 19.08 25.29
N VAL A 59 -6.73 18.47 24.11
CA VAL A 59 -7.89 18.69 23.26
C VAL A 59 -8.25 17.35 22.62
N LYS A 60 -9.55 17.11 22.52
CA LYS A 60 -10.02 15.85 22.00
C LYS A 60 -10.46 16.11 20.60
N ALA A 61 -10.05 15.24 19.70
CA ALA A 61 -10.66 15.19 18.38
C ALA A 61 -10.13 14.03 17.59
N ASN A 62 -10.97 13.47 16.73
CA ASN A 62 -10.60 12.33 15.89
C ASN A 62 -10.77 12.65 14.41
N VAL A 63 -10.16 11.84 13.52
CA VAL A 63 -10.21 12.01 12.04
C VAL A 63 -11.61 12.23 11.48
N GLY A 64 -12.62 11.65 12.07
CA GLY A 64 -13.94 11.81 11.50
C GLY A 64 -14.72 13.02 11.98
N GLN A 65 -14.03 14.11 12.34
CA GLN A 65 -14.73 15.24 12.98
C GLN A 65 -14.25 16.63 12.52
N PRO A 66 -14.75 17.08 11.35
CA PRO A 66 -14.20 18.31 10.78
C PRO A 66 -14.35 19.57 11.68
N ALA A 67 -15.56 19.81 12.19
CA ALA A 67 -15.78 20.98 13.00
C ALA A 67 -15.05 20.88 14.33
N LYS A 68 -14.93 19.66 14.89
CA LYS A 68 -14.13 19.49 16.09
C LYS A 68 -12.68 19.79 15.83
N ILE A 69 -12.21 19.53 14.61
CA ILE A 69 -10.80 19.79 14.28
C ILE A 69 -10.52 21.27 14.13
N LYS A 70 -11.39 21.97 13.43
CA LYS A 70 -11.33 23.42 13.34
C LYS A 70 -11.40 24.04 14.72
N GLU A 71 -12.27 23.51 15.57
CA GLU A 71 -12.45 24.05 16.92
C GLU A 71 -11.19 23.87 17.71
N MET A 72 -10.53 22.71 17.56
CA MET A 72 -9.22 22.43 18.17
C MET A 72 -8.17 23.51 17.76
N PHE A 73 -8.08 23.85 16.48
CA PHE A 73 -7.16 24.95 16.12
C PHE A 73 -7.62 26.31 16.65
N GLN A 74 -8.92 26.50 16.83
CA GLN A 74 -9.44 27.75 17.39
C GLN A 74 -9.11 27.86 18.90
N GLN A 75 -8.97 26.70 19.55
CA GLN A 75 -8.54 26.65 20.92
C GLN A 75 -7.06 26.97 21.07
N ILE A 76 -6.25 26.39 20.19
CA ILE A 76 -4.80 26.61 20.17
C ILE A 76 -4.51 28.10 20.04
N ASP A 77 -5.19 28.73 19.10
CA ASP A 77 -5.08 30.15 18.87
C ASP A 77 -5.47 30.96 20.15
N GLU A 78 -6.46 30.49 20.90
CA GLU A 78 -6.91 31.21 22.06
C GLU A 78 -6.10 30.87 23.27
N THR A 79 -5.44 29.73 23.25
CA THR A 79 -4.52 29.42 24.33
C THR A 79 -3.14 30.01 24.11
N PHE A 80 -2.58 29.86 22.90
CA PHE A 80 -1.20 30.27 22.65
C PHE A 80 -1.09 31.28 21.60
N GLY A 81 -2.10 31.46 20.78
CA GLY A 81 -2.05 32.48 19.72
C GLY A 81 -1.03 32.28 18.60
N ARG A 82 -0.51 31.04 18.46
CA ARG A 82 0.55 30.65 17.49
C ARG A 82 0.80 29.13 17.37
N LEU A 83 1.20 28.65 16.19
CA LEU A 83 1.68 27.25 16.02
C LEU A 83 2.91 27.12 15.08
N ASP A 84 3.93 26.43 15.54
CA ASP A 84 5.22 26.44 14.88
C ASP A 84 5.55 25.09 14.25
N VAL A 85 5.16 24.03 14.93
CA VAL A 85 5.51 22.67 14.61
C VAL A 85 4.27 21.76 14.69
N PHE A 86 3.91 21.14 13.58
CA PHE A 86 2.75 20.28 13.60
C PHE A 86 3.13 18.89 13.20
N VAL A 87 2.91 17.95 14.08
CA VAL A 87 3.19 16.55 13.78
C VAL A 87 1.87 15.80 13.48
N ASN A 88 1.59 15.70 12.18
CA ASN A 88 0.37 15.21 11.59
C ASN A 88 0.52 13.68 11.61
N ASN A 89 0.06 13.08 12.71
CA ASN A 89 0.37 11.70 13.08
C ASN A 89 -0.68 10.66 12.59
N ALA A 90 -0.32 9.88 11.58
CA ALA A 90 -1.17 8.77 11.16
C ALA A 90 -0.41 7.50 11.44
N ALA A 91 0.49 7.57 12.40
CA ALA A 91 1.20 6.38 12.85
C ALA A 91 0.75 5.97 14.25
N SER A 92 -0.42 6.44 14.66
CA SER A 92 -0.88 6.27 16.04
C SER A 92 -1.56 4.94 16.31
N GLY A 93 -2.00 4.27 15.25
CA GLY A 93 -2.72 3.00 15.39
C GLY A 93 -4.10 3.23 16.00
N VAL A 94 -4.61 4.45 15.95
CA VAL A 94 -5.97 4.80 16.30
C VAL A 94 -6.94 4.19 15.24
N LEU A 95 -8.08 3.66 15.66
CA LEU A 95 -8.93 2.97 14.72
C LEU A 95 -10.05 3.90 14.26
N ARG A 96 -10.47 3.79 13.01
CA ARG A 96 -11.65 4.51 12.60
C ARG A 96 -12.63 3.52 11.95
N PRO A 97 -13.95 3.84 12.02
CA PRO A 97 -14.97 2.98 11.40
C PRO A 97 -14.74 2.82 9.89
N VAL A 98 -14.87 1.61 9.41
CA VAL A 98 -14.87 1.32 7.99
C VAL A 98 -16.12 1.93 7.31
N MET A 99 -15.92 2.62 6.18
CA MET A 99 -17.01 3.10 5.28
C MET A 99 -17.28 1.97 4.30
N GLU A 100 -18.53 1.80 3.90
CA GLU A 100 -18.88 0.74 2.92
C GLU A 100 -18.04 0.79 1.63
N LEU A 101 -17.82 1.99 1.13
CA LEU A 101 -16.90 2.23 0.05
C LEU A 101 -15.62 1.33 0.08
N GLU A 102 -14.95 1.33 1.24
CA GLU A 102 -13.61 0.80 1.40
C GLU A 102 -13.54 -0.67 1.22
N GLU A 103 -14.67 -1.28 1.46
CA GLU A 103 -14.80 -2.69 1.19
C GLU A 103 -14.39 -3.01 -0.28
N THR A 104 -14.71 -2.12 -1.21
CA THR A 104 -14.50 -2.47 -2.60
C THR A 104 -13.05 -2.45 -3.07
N HIS A 105 -12.18 -1.66 -2.43
CA HIS A 105 -10.79 -1.53 -2.86
C HIS A 105 -9.92 -0.82 -1.85
N TRP A 106 -8.73 -1.34 -1.63
CA TRP A 106 -7.76 -0.70 -0.79
C TRP A 106 -7.51 0.77 -1.15
N ASP A 107 -7.58 1.16 -2.42
CA ASP A 107 -7.35 2.55 -2.77
C ASP A 107 -8.29 3.49 -2.06
N TRP A 108 -9.54 3.07 -1.74
CA TRP A 108 -10.51 3.99 -1.11
C TRP A 108 -10.07 4.28 0.34
N THR A 109 -9.56 3.28 1.06
CA THR A 109 -8.99 3.52 2.39
C THR A 109 -7.87 4.59 2.30
N MET A 110 -6.96 4.41 1.36
CA MET A 110 -5.80 5.29 1.22
C MET A 110 -6.29 6.65 0.91
N ASN A 111 -7.24 6.74 -0.02
CA ASN A 111 -7.89 8.00 -0.35
C ASN A 111 -8.51 8.71 0.87
N ILE A 112 -9.41 8.02 1.58
CA ILE A 112 -9.94 8.62 2.83
C ILE A 112 -8.82 9.06 3.81
N ASN A 113 -7.80 8.22 4.04
CA ASN A 113 -6.76 8.56 5.02
C ASN A 113 -5.84 9.68 4.51
N ALA A 114 -5.53 9.71 3.22
CA ALA A 114 -4.69 10.78 2.69
C ALA A 114 -5.47 12.08 2.82
N LYS A 115 -6.76 12.01 2.52
CA LYS A 115 -7.58 13.20 2.67
C LYS A 115 -7.53 13.75 4.09
N ALA A 116 -7.54 12.88 5.10
CA ALA A 116 -7.58 13.34 6.47
C ALA A 116 -6.25 14.04 6.76
N LEU A 117 -5.15 13.43 6.34
CA LEU A 117 -3.82 14.08 6.49
C LEU A 117 -3.78 15.44 5.84
N LEU A 118 -4.31 15.55 4.65
CA LEU A 118 -4.35 16.82 3.96
C LEU A 118 -5.24 17.88 4.65
N PHE A 119 -6.47 17.49 5.06
CA PHE A 119 -7.36 18.40 5.77
C PHE A 119 -6.70 18.97 7.04
N CYS A 120 -6.06 18.13 7.83
CA CYS A 120 -5.42 18.61 9.05
C CYS A 120 -4.27 19.58 8.77
N ALA A 121 -3.42 19.22 7.81
CA ALA A 121 -2.28 20.04 7.45
C ALA A 121 -2.68 21.39 6.93
N GLN A 122 -3.75 21.48 6.14
CA GLN A 122 -4.24 22.74 5.64
C GLN A 122 -4.81 23.63 6.76
N GLU A 123 -5.57 23.03 7.69
CA GLU A 123 -6.12 23.75 8.83
C GLU A 123 -4.97 24.32 9.66
N ALA A 124 -4.08 23.45 10.12
CA ALA A 124 -2.84 23.91 10.72
C ALA A 124 -2.16 25.08 9.96
N ALA A 125 -2.20 25.06 8.64
CA ALA A 125 -1.46 26.08 7.87
C ALA A 125 -2.09 27.46 8.00
N LYS A 126 -3.41 27.51 8.18
CA LYS A 126 -4.09 28.77 8.38
C LYS A 126 -3.69 29.50 9.66
N LEU A 127 -3.43 28.76 10.72
CA LEU A 127 -2.89 29.29 11.98
C LEU A 127 -1.39 29.60 11.91
N MET A 128 -0.56 28.62 11.56
CA MET A 128 0.88 28.88 11.35
C MET A 128 1.19 30.16 10.54
N GLU A 129 0.43 30.45 9.50
CA GLU A 129 0.80 31.57 8.70
C GLU A 129 0.60 32.96 9.39
N LYS A 130 -0.11 32.99 10.52
CA LYS A 130 -0.12 34.15 11.43
C LYS A 130 1.22 34.46 12.13
N ASN A 131 1.98 33.43 12.47
CA ASN A 131 3.23 33.63 13.14
C ASN A 131 4.46 33.44 12.22
N GLY A 132 4.33 33.79 10.93
CA GLY A 132 5.35 33.48 9.90
C GLY A 132 5.68 32.02 9.50
N GLY A 133 4.67 31.16 9.39
CA GLY A 133 4.90 29.76 9.09
C GLY A 133 5.53 28.91 10.18
N GLY A 134 6.17 27.83 9.75
CA GLY A 134 6.71 26.82 10.63
C GLY A 134 6.95 25.49 9.89
N HIS A 135 6.72 24.35 10.57
CA HIS A 135 7.09 23.06 9.97
C HIS A 135 5.88 22.10 10.06
N ILE A 136 5.66 21.26 9.05
CA ILE A 136 4.71 20.14 9.23
C ILE A 136 5.39 18.87 8.90
N VAL A 137 5.38 17.90 9.81
CA VAL A 137 5.79 16.56 9.42
C VAL A 137 4.70 15.51 9.58
N SER A 138 4.35 14.89 8.45
CA SER A 138 3.32 13.87 8.45
C SER A 138 3.99 12.53 8.73
N ILE A 139 3.46 11.74 9.65
CA ILE A 139 4.04 10.45 9.88
C ILE A 139 3.01 9.36 9.74
N SER A 140 3.41 8.17 9.38
CA SER A 140 2.43 7.17 9.04
C SER A 140 2.95 5.79 9.20
N SER A 141 2.09 4.87 9.56
CA SER A 141 2.49 3.47 9.65
C SER A 141 1.22 2.68 9.35
N LEU A 142 1.41 1.52 8.74
CA LEU A 142 0.27 0.69 8.48
C LEU A 142 0.41 -0.52 9.43
N GLY A 143 0.42 -0.28 10.75
CA GLY A 143 0.20 -1.34 11.77
C GLY A 143 -0.63 -2.53 11.28
N SER A 144 -1.72 -2.87 11.94
CA SER A 144 -2.42 -4.10 11.50
C SER A 144 -3.74 -3.91 10.72
N ILE A 145 -4.61 -4.95 10.81
CA ILE A 145 -6.02 -5.02 10.31
C ILE A 145 -6.86 -6.00 11.24
N ARG A 146 -6.65 -5.85 12.55
CA ARG A 146 -7.36 -6.58 13.63
C ARG A 146 -8.87 -6.87 13.43
N TYR A 147 -9.62 -5.94 12.85
CA TYR A 147 -11.05 -5.88 13.08
C TYR A 147 -11.95 -5.89 11.85
N LEU A 148 -11.52 -5.13 10.86
CA LEU A 148 -12.38 -4.66 9.74
C LEU A 148 -13.95 -4.63 9.90
N GLU A 149 -14.49 -4.72 11.10
CA GLU A 149 -15.95 -4.56 11.22
C GLU A 149 -16.33 -3.13 11.47
N ASN A 150 -15.65 -2.26 10.75
CA ASN A 150 -15.44 -0.86 11.08
C ASN A 150 -14.09 -1.11 11.58
N TYR A 151 -13.39 -0.05 11.88
CA TYR A 151 -12.06 -0.17 12.38
C TYR A 151 -11.12 -0.71 11.33
N THR A 152 -10.48 0.28 10.77
CA THR A 152 -9.33 0.11 10.00
C THR A 152 -8.36 1.23 10.46
N THR A 153 -7.13 1.09 10.02
CA THR A 153 -6.07 2.09 10.16
C THR A 153 -6.45 3.53 9.69
N VAL A 154 -5.79 4.54 10.26
CA VAL A 154 -5.71 5.89 9.64
C VAL A 154 -4.37 6.02 8.84
N GLY A 155 -3.55 4.99 8.80
CA GLY A 155 -2.27 5.12 8.05
C GLY A 155 -2.44 5.25 6.54
N VAL A 156 -1.45 5.88 5.89
CA VAL A 156 -1.35 5.83 4.45
C VAL A 156 -0.14 5.04 3.97
N SER A 157 -0.19 4.62 2.72
CA SER A 157 0.93 3.97 2.15
C SER A 157 2.00 5.03 1.86
N LYS A 158 3.21 4.55 1.63
CA LYS A 158 4.33 5.39 1.26
C LYS A 158 4.04 6.16 -0.04
N ALA A 159 3.40 5.54 -1.04
CA ALA A 159 3.16 6.27 -2.29
C ALA A 159 2.21 7.46 -2.04
N ALA A 160 1.07 7.20 -1.37
CA ALA A 160 0.08 8.26 -1.07
C ALA A 160 0.71 9.32 -0.15
N LEU A 161 1.53 8.90 0.81
CA LEU A 161 2.22 9.83 1.67
C LEU A 161 3.18 10.69 0.84
N GLU A 162 3.97 10.05 -0.01
CA GLU A 162 4.88 10.80 -0.91
C GLU A 162 4.08 11.81 -1.70
N ALA A 163 2.99 11.36 -2.31
CA ALA A 163 2.30 12.27 -3.25
C ALA A 163 1.65 13.40 -2.49
N LEU A 164 1.02 13.10 -1.37
CA LEU A 164 0.45 14.11 -0.50
C LEU A 164 1.52 15.10 0.03
N THR A 165 2.70 14.61 0.43
CA THR A 165 3.66 15.59 0.97
C THR A 165 4.39 16.44 -0.09
N ARG A 166 4.64 15.87 -1.26
CA ARG A 166 5.07 16.68 -2.43
C ARG A 166 4.02 17.77 -2.71
N TYR A 167 2.75 17.38 -2.82
CA TYR A 167 1.72 18.36 -3.01
C TYR A 167 1.72 19.49 -1.93
N LEU A 168 1.68 19.13 -0.64
CA LEU A 168 1.77 20.17 0.40
C LEU A 168 3.00 21.08 0.31
N ALA A 169 4.19 20.58 -0.01
CA ALA A 169 5.36 21.47 0.03
C ALA A 169 5.17 22.59 -1.02
N VAL A 170 4.75 22.26 -2.23
CA VAL A 170 4.46 23.31 -3.23
C VAL A 170 3.31 24.24 -2.88
N GLU A 171 2.31 23.77 -2.16
CA GLU A 171 1.24 24.66 -1.77
C GLU A 171 1.65 25.65 -0.69
N LEU A 172 2.57 25.23 0.17
CA LEU A 172 2.83 25.85 1.47
C LEU A 172 4.20 26.46 1.63
N SER A 173 5.15 26.04 0.80
CA SER A 173 6.45 26.70 0.75
C SER A 173 6.29 28.22 0.61
N PRO A 174 5.33 28.69 -0.23
CA PRO A 174 5.05 30.16 -0.28
C PRO A 174 4.47 30.83 0.96
N LYS A 175 4.24 30.09 2.04
CA LYS A 175 3.72 30.64 3.30
C LYS A 175 4.74 30.40 4.42
N GLN A 176 5.93 29.92 4.06
CA GLN A 176 7.00 29.64 5.01
C GLN A 176 6.74 28.42 5.91
N ILE A 177 6.01 27.47 5.37
CA ILE A 177 5.76 26.25 6.08
C ILE A 177 6.60 25.16 5.39
N ILE A 178 7.48 24.58 6.16
CA ILE A 178 8.34 23.53 5.72
C ILE A 178 7.67 22.14 5.93
N VAL A 179 7.31 21.48 4.80
CA VAL A 179 6.56 20.19 4.84
C VAL A 179 7.37 18.97 4.45
N ASN A 180 7.51 18.02 5.37
CA ASN A 180 8.09 16.71 5.05
C ASN A 180 7.26 15.55 5.68
N ALA A 181 7.76 14.31 5.57
CA ALA A 181 7.03 13.14 6.08
C ALA A 181 7.97 12.00 6.45
N VAL A 182 7.48 11.11 7.32
CA VAL A 182 8.21 9.91 7.66
C VAL A 182 7.22 8.74 7.68
N SER A 183 7.61 7.60 7.13
CA SER A 183 6.77 6.47 6.98
C SER A 183 7.53 5.30 7.58
N GLY A 184 6.87 4.40 8.28
CA GLY A 184 7.56 3.19 8.78
C GLY A 184 6.66 2.53 9.81
N GLY A 185 7.03 2.72 11.07
CA GLY A 185 6.19 2.34 12.18
C GLY A 185 6.82 1.16 12.87
N ALA A 186 6.88 1.22 14.17
CA ALA A 186 7.46 0.16 14.95
C ALA A 186 6.38 -0.89 15.14
N ILE A 187 6.78 -1.92 15.86
CA ILE A 187 6.01 -3.13 16.01
C ILE A 187 5.95 -3.46 17.51
N PHE A 195 -3.32 -7.26 21.88
CA PHE A 195 -4.06 -8.51 21.66
C PHE A 195 -3.26 -9.83 21.95
N PRO A 196 -3.94 -11.00 22.02
CA PRO A 196 -3.29 -12.24 22.50
C PRO A 196 -2.20 -12.77 21.57
N ASN A 197 -1.41 -13.74 22.06
CA ASN A 197 -0.15 -14.19 21.42
C ASN A 197 0.88 -13.09 21.34
N ARG A 198 0.52 -11.91 21.83
CA ARG A 198 1.42 -10.77 21.93
C ARG A 198 2.91 -11.13 21.82
N GLU A 199 3.37 -12.04 22.68
CA GLU A 199 4.77 -12.49 22.68
C GLU A 199 5.13 -13.33 21.45
N ASP A 200 4.20 -14.15 21.01
CA ASP A 200 4.47 -15.05 19.90
C ASP A 200 4.54 -14.34 18.55
N LEU A 201 3.72 -13.31 18.38
CA LEU A 201 3.77 -12.51 17.18
C LEU A 201 5.07 -11.72 17.13
N LEU A 202 5.53 -11.28 18.31
CA LEU A 202 6.78 -10.54 18.45
C LEU A 202 8.03 -11.40 18.21
N GLU A 203 8.05 -12.63 18.70
CA GLU A 203 9.12 -13.55 18.36
C GLU A 203 9.16 -13.95 16.87
N ASP A 204 7.97 -14.13 16.26
CA ASP A 204 7.81 -14.35 14.79
C ASP A 204 8.44 -13.20 13.98
N ALA A 205 8.10 -11.97 14.36
CA ALA A 205 8.65 -10.74 13.80
C ALA A 205 10.16 -10.58 14.08
N ARG A 206 10.63 -10.95 15.28
CA ARG A 206 12.09 -10.98 15.58
C ARG A 206 12.95 -11.94 14.74
N GLN A 207 12.48 -13.16 14.52
CA GLN A 207 13.24 -14.15 13.73
C GLN A 207 13.19 -13.90 12.23
N ASN A 208 12.21 -13.14 11.80
CA ASN A 208 12.10 -12.80 10.38
C ASN A 208 12.84 -11.51 9.95
N THR A 209 13.36 -10.78 10.94
CA THR A 209 14.08 -9.53 10.74
C THR A 209 15.58 -9.74 10.90
N PRO A 210 16.42 -9.18 9.99
CA PRO A 210 17.86 -9.22 10.25
C PRO A 210 18.18 -8.67 11.63
N ALA A 211 19.17 -9.28 12.26
CA ALA A 211 19.50 -8.89 13.62
C ALA A 211 19.85 -7.40 13.56
N GLY A 212 19.58 -6.68 14.63
CA GLY A 212 19.97 -5.29 14.70
C GLY A 212 19.12 -4.33 13.87
N ARG A 213 18.13 -4.87 13.12
CA ARG A 213 17.37 -4.02 12.19
C ARG A 213 15.86 -3.93 12.48
N MET A 214 15.51 -4.00 13.76
CA MET A 214 14.11 -3.81 14.16
C MET A 214 13.94 -2.36 14.51
N VAL A 215 13.09 -1.66 13.77
CA VAL A 215 12.78 -0.28 14.11
C VAL A 215 12.00 -0.17 15.42
N GLU A 216 12.32 0.90 16.15
CA GLU A 216 11.69 1.23 17.39
C GLU A 216 11.07 2.59 17.21
N ILE A 217 10.22 2.98 18.14
CA ILE A 217 9.59 4.28 18.12
C ILE A 217 10.62 5.42 18.10
N LYS A 218 11.72 5.28 18.84
CA LYS A 218 12.65 6.43 19.00
C LYS A 218 13.35 6.77 17.65
N ASP A 219 13.40 5.77 16.78
CA ASP A 219 14.00 5.86 15.47
C ASP A 219 13.16 6.77 14.61
N MET A 220 11.82 6.69 14.73
CA MET A 220 10.95 7.63 13.97
C MET A 220 10.98 9.02 14.62
N VAL A 221 11.03 9.02 15.96
CA VAL A 221 11.14 10.26 16.71
C VAL A 221 12.38 11.07 16.36
N ASP A 222 13.53 10.41 16.24
CA ASP A 222 14.81 11.09 15.86
C ASP A 222 14.66 11.87 14.54
N THR A 223 14.19 11.16 13.52
CA THR A 223 14.00 11.77 12.20
C THR A 223 13.07 12.94 12.21
N VAL A 224 11.94 12.82 12.89
CA VAL A 224 11.07 13.97 13.00
C VAL A 224 11.81 15.14 13.65
N GLU A 225 12.57 14.84 14.71
CA GLU A 225 13.33 15.83 15.47
C GLU A 225 14.37 16.52 14.56
N PHE A 226 15.14 15.71 13.85
CA PHE A 226 16.01 16.25 12.80
C PHE A 226 15.27 17.18 11.85
N LEU A 227 14.14 16.72 11.29
CA LEU A 227 13.46 17.50 10.28
C LEU A 227 12.94 18.80 10.89
N VAL A 228 12.78 18.83 12.21
CA VAL A 228 12.12 20.00 12.78
C VAL A 228 13.15 20.98 13.37
N SER A 229 14.39 20.55 13.54
CA SER A 229 15.48 21.43 13.96
C SER A 229 15.78 22.43 12.84
N SER A 230 16.53 23.45 13.12
CA SER A 230 16.89 24.37 12.02
C SER A 230 18.03 23.80 11.14
N LYS A 231 18.32 22.51 11.26
CA LYS A 231 19.29 21.83 10.40
C LYS A 231 18.67 21.17 9.14
N ALA A 232 17.45 21.54 8.77
CA ALA A 232 16.77 20.77 7.74
C ALA A 232 15.84 21.69 6.97
N ASP A 233 16.12 22.99 7.04
CA ASP A 233 15.15 23.95 6.56
C ASP A 233 15.13 23.92 5.03
N MET A 234 16.14 23.28 4.46
CA MET A 234 16.25 23.21 3.03
C MET A 234 15.75 21.88 2.48
N ILE A 235 15.31 20.96 3.35
CA ILE A 235 14.63 19.71 2.93
C ILE A 235 13.15 20.01 2.76
N ARG A 236 12.66 19.92 1.53
CA ARG A 236 11.27 20.23 1.19
C ARG A 236 10.55 19.08 0.45
N GLY A 237 9.44 18.61 1.02
CA GLY A 237 8.53 17.72 0.32
C GLY A 237 9.08 16.34 0.17
N GLN A 238 9.94 15.97 1.11
CA GLN A 238 10.63 14.69 1.10
C GLN A 238 9.89 13.71 2.07
N THR A 239 9.89 12.44 1.74
CA THR A 239 9.26 11.43 2.55
C THR A 239 10.36 10.43 2.77
N ILE A 240 10.70 10.25 4.05
CA ILE A 240 11.76 9.39 4.48
C ILE A 240 11.17 8.10 5.10
N ILE A 241 11.70 6.97 4.61
CA ILE A 241 11.33 5.66 5.10
C ILE A 241 12.30 5.28 6.16
N VAL A 242 11.77 5.02 7.35
CA VAL A 242 12.54 4.62 8.55
C VAL A 242 12.06 3.26 9.09
N ASP A 243 12.73 2.19 8.71
CA ASP A 243 12.16 0.87 8.98
C ASP A 243 13.26 -0.17 8.85
N GLY A 244 14.52 0.29 8.90
CA GLY A 244 15.61 -0.67 8.81
C GLY A 244 15.61 -1.49 7.53
N GLY A 245 14.87 -1.05 6.53
CA GLY A 245 14.88 -1.79 5.25
C GLY A 245 13.79 -2.84 5.18
N ARG A 246 12.90 -2.89 6.17
CA ARG A 246 11.91 -3.95 6.17
C ARG A 246 10.98 -3.95 4.89
N SER A 247 10.63 -2.78 4.38
CA SER A 247 9.75 -2.75 3.18
C SER A 247 10.39 -3.25 1.88
N LEU A 248 11.73 -3.39 1.87
CA LEU A 248 12.44 -3.97 0.70
C LEU A 248 13.10 -5.27 0.99
N LEU A 249 12.69 -5.93 2.05
CA LEU A 249 13.26 -7.21 2.36
C LEU A 249 12.95 -8.29 1.35
N VAL A 250 11.89 -8.11 0.58
CA VAL A 250 11.62 -8.98 -0.56
C VAL A 250 12.81 -9.03 -1.52
N LEU A 251 13.60 -7.96 -1.58
CA LEU A 251 14.74 -7.91 -2.47
C LEU A 251 16.00 -8.48 -1.90
N GLU A 252 16.27 -8.19 -0.64
CA GLU A 252 17.45 -8.81 0.03
C GLU A 252 17.41 -10.32 -0.01
N HIS A 253 16.24 -10.90 0.23
CA HIS A 253 16.12 -12.36 0.28
C HIS A 253 16.23 -12.98 -1.10
N HIS A 254 15.64 -12.34 -2.10
CA HIS A 254 15.78 -12.81 -3.47
C HIS A 254 17.20 -12.62 -4.01
N HIS A 255 17.74 -11.41 -3.92
CA HIS A 255 19.08 -11.04 -4.43
C HIS A 255 20.16 -11.81 -3.69
N HIS A 256 19.73 -12.46 -2.61
CA HIS A 256 20.55 -13.07 -1.55
C HIS A 256 21.59 -12.18 -0.87
N ASN B 4 3.16 -22.87 -32.92
CA ASN B 4 2.46 -22.03 -31.90
C ASN B 4 3.27 -21.68 -30.63
N LYS B 5 3.14 -20.41 -30.25
CA LYS B 5 3.68 -19.92 -28.98
C LYS B 5 2.74 -20.27 -27.84
N CYS B 6 3.27 -20.15 -26.62
CA CYS B 6 2.65 -20.59 -25.40
C CYS B 6 2.68 -19.49 -24.29
N ALA B 7 1.57 -19.36 -23.57
CA ALA B 7 1.38 -18.36 -22.59
C ALA B 7 0.81 -19.00 -21.38
N LEU B 8 1.38 -18.63 -20.20
CA LEU B 8 0.89 -19.08 -18.93
C LEU B 8 0.23 -17.88 -18.26
N VAL B 9 -0.90 -18.07 -17.60
CA VAL B 9 -1.53 -17.00 -16.88
C VAL B 9 -1.98 -17.64 -15.56
N THR B 10 -1.53 -17.12 -14.46
CA THR B 10 -1.89 -17.73 -13.19
C THR B 10 -3.17 -17.11 -12.76
N GLY B 11 -3.88 -17.82 -11.86
CA GLY B 11 -5.24 -17.47 -11.48
C GLY B 11 -6.18 -17.20 -12.65
N SER B 12 -6.16 -18.05 -13.67
CA SER B 12 -6.90 -17.74 -14.88
C SER B 12 -8.23 -18.42 -15.02
N SER B 13 -8.79 -18.95 -13.94
CA SER B 13 -10.08 -19.63 -14.13
C SER B 13 -11.24 -18.61 -14.29
N ARG B 14 -11.07 -17.41 -13.70
CA ARG B 14 -12.07 -16.37 -13.53
C ARG B 14 -11.37 -15.02 -13.62
N GLY B 15 -12.15 -13.94 -13.81
CA GLY B 15 -11.68 -12.57 -13.59
C GLY B 15 -10.64 -12.08 -14.60
N VAL B 16 -9.69 -11.27 -14.12
CA VAL B 16 -8.72 -10.69 -15.02
C VAL B 16 -7.82 -11.74 -15.71
N GLY B 17 -7.39 -12.76 -14.98
CA GLY B 17 -6.56 -13.83 -15.56
C GLY B 17 -7.30 -14.59 -16.64
N LYS B 18 -8.59 -14.84 -16.42
CA LYS B 18 -9.41 -15.44 -17.46
C LYS B 18 -9.48 -14.59 -18.69
N ALA B 19 -9.83 -13.32 -18.49
CA ALA B 19 -9.92 -12.43 -19.63
C ALA B 19 -8.55 -12.28 -20.34
N ALA B 20 -7.44 -12.35 -19.60
CA ALA B 20 -6.08 -12.20 -20.28
C ALA B 20 -5.79 -13.47 -21.07
N ALA B 21 -6.15 -14.62 -20.51
CA ALA B 21 -5.93 -15.90 -21.26
C ALA B 21 -6.76 -15.88 -22.58
N ILE B 22 -8.02 -15.42 -22.53
CA ILE B 22 -8.84 -15.29 -23.75
C ILE B 22 -8.22 -14.38 -24.80
N ARG B 23 -7.85 -13.18 -24.38
CA ARG B 23 -7.16 -12.28 -25.31
C ARG B 23 -5.92 -12.92 -25.93
N LEU B 24 -5.09 -13.60 -25.14
CA LEU B 24 -3.89 -14.19 -25.72
C LEU B 24 -4.18 -15.44 -26.67
N ALA B 25 -5.15 -16.26 -26.29
CA ALA B 25 -5.69 -17.28 -27.15
C ALA B 25 -6.21 -16.64 -28.43
N GLU B 26 -6.93 -15.51 -28.36
CA GLU B 26 -7.35 -14.79 -29.57
C GLU B 26 -6.20 -14.29 -30.42
N ASN B 27 -5.05 -14.00 -29.82
CA ASN B 27 -3.87 -13.68 -30.58
C ASN B 27 -3.09 -14.91 -31.10
N GLY B 28 -3.61 -16.12 -30.88
CA GLY B 28 -2.94 -17.36 -31.36
C GLY B 28 -1.88 -18.08 -30.51
N TYR B 29 -1.88 -17.83 -29.20
CA TYR B 29 -1.09 -18.59 -28.25
C TYR B 29 -1.87 -19.78 -27.70
N ASN B 30 -1.15 -20.88 -27.53
CA ASN B 30 -1.62 -21.93 -26.66
C ASN B 30 -1.57 -21.42 -25.23
N ILE B 31 -2.49 -21.89 -24.40
CA ILE B 31 -2.69 -21.30 -23.10
C ILE B 31 -2.49 -22.35 -22.04
N VAL B 32 -1.79 -22.00 -20.95
CA VAL B 32 -1.85 -22.75 -19.72
C VAL B 32 -2.77 -22.02 -18.70
N ILE B 33 -3.88 -22.66 -18.33
CA ILE B 33 -4.73 -22.18 -17.25
C ILE B 33 -4.28 -22.71 -15.92
N ASN B 34 -3.89 -21.81 -15.02
CA ASN B 34 -3.58 -22.17 -13.64
C ASN B 34 -4.78 -21.78 -12.76
N TYR B 35 -5.23 -22.70 -11.91
CA TYR B 35 -6.27 -22.36 -10.94
C TYR B 35 -5.83 -22.76 -9.53
N ALA B 36 -6.35 -22.04 -8.55
CA ALA B 36 -6.04 -22.33 -7.18
C ALA B 36 -7.06 -23.33 -6.63
N ARG B 37 -8.33 -23.05 -6.90
CA ARG B 37 -9.41 -23.51 -6.04
C ARG B 37 -10.43 -24.41 -6.76
N SER B 38 -11.17 -23.86 -7.71
CA SER B 38 -12.29 -24.60 -8.35
C SER B 38 -11.92 -25.19 -9.70
N LYS B 39 -11.97 -26.52 -9.78
CA LYS B 39 -11.70 -27.26 -11.02
C LYS B 39 -12.63 -26.88 -12.16
N LYS B 40 -13.92 -26.66 -11.85
CA LYS B 40 -14.95 -26.53 -12.87
C LYS B 40 -14.79 -25.25 -13.64
N ALA B 41 -14.57 -24.16 -12.92
CA ALA B 41 -14.35 -22.86 -13.55
C ALA B 41 -13.23 -22.99 -14.60
N ALA B 42 -12.15 -23.67 -14.18
CA ALA B 42 -10.94 -23.83 -14.97
C ALA B 42 -11.20 -24.73 -16.15
N LEU B 43 -11.96 -25.78 -15.91
CA LEU B 43 -12.49 -26.62 -16.99
C LEU B 43 -13.44 -25.87 -17.95
N GLU B 44 -14.40 -25.11 -17.44
CA GLU B 44 -15.15 -24.26 -18.34
C GLU B 44 -14.30 -23.28 -19.19
N THR B 45 -13.32 -22.62 -18.58
CA THR B 45 -12.52 -21.62 -19.27
C THR B 45 -11.69 -22.33 -20.31
N ALA B 46 -11.16 -23.49 -19.93
CA ALA B 46 -10.36 -24.28 -20.86
C ALA B 46 -11.17 -24.64 -22.11
N GLU B 47 -12.43 -24.98 -21.91
CA GLU B 47 -13.30 -25.35 -23.02
C GLU B 47 -13.61 -24.15 -23.90
N GLU B 48 -13.90 -22.98 -23.31
CA GLU B 48 -14.13 -21.75 -24.10
C GLU B 48 -12.90 -21.38 -24.94
N ILE B 49 -11.71 -21.47 -24.35
CA ILE B 49 -10.48 -21.11 -25.12
C ILE B 49 -10.18 -22.14 -26.19
N GLU B 50 -10.47 -23.41 -25.90
CA GLU B 50 -10.36 -24.47 -26.94
C GLU B 50 -11.20 -24.16 -28.15
N LYS B 51 -12.41 -23.64 -27.93
CA LYS B 51 -13.28 -23.25 -29.05
C LYS B 51 -12.64 -22.20 -29.95
N LEU B 52 -11.52 -21.60 -29.52
CA LEU B 52 -10.86 -20.58 -30.33
C LEU B 52 -9.80 -21.20 -31.22
N GLY B 53 -9.52 -22.48 -31.00
CA GLY B 53 -8.61 -23.21 -31.89
C GLY B 53 -7.17 -23.15 -31.44
N VAL B 54 -6.94 -23.18 -30.12
CA VAL B 54 -5.57 -23.30 -29.60
C VAL B 54 -5.63 -24.45 -28.63
N LYS B 55 -4.50 -25.02 -28.28
CA LYS B 55 -4.48 -26.11 -27.28
C LYS B 55 -4.42 -25.48 -25.92
N VAL B 56 -4.87 -26.20 -24.90
CA VAL B 56 -4.95 -25.69 -23.57
C VAL B 56 -4.53 -26.76 -22.58
N LEU B 57 -3.96 -26.33 -21.45
CA LEU B 57 -3.44 -27.20 -20.41
C LEU B 57 -3.94 -26.56 -19.14
N VAL B 58 -4.57 -27.37 -18.29
CA VAL B 58 -5.01 -26.95 -16.98
C VAL B 58 -4.12 -27.60 -15.91
N VAL B 59 -3.56 -26.76 -15.03
CA VAL B 59 -2.72 -27.13 -13.89
C VAL B 59 -3.17 -26.39 -12.64
N LYS B 60 -3.05 -27.11 -11.52
CA LYS B 60 -3.52 -26.65 -10.26
C LYS B 60 -2.29 -26.19 -9.51
N ALA B 61 -2.29 -25.00 -8.95
CA ALA B 61 -1.18 -24.65 -8.06
C ALA B 61 -1.54 -23.35 -7.40
N ASN B 62 -1.14 -23.20 -6.15
CA ASN B 62 -1.37 -21.91 -5.45
C ASN B 62 -0.08 -21.43 -4.85
N VAL B 63 -0.01 -20.14 -4.55
CA VAL B 63 1.20 -19.58 -3.95
C VAL B 63 1.39 -20.25 -2.61
N GLY B 64 2.63 -20.25 -2.13
CA GLY B 64 2.96 -20.96 -0.89
C GLY B 64 2.91 -22.46 -1.08
N GLN B 65 2.98 -22.91 -2.33
CA GLN B 65 3.26 -24.31 -2.67
C GLN B 65 4.50 -24.40 -3.58
N PRO B 66 5.69 -24.01 -3.11
CA PRO B 66 6.81 -23.93 -4.10
C PRO B 66 7.11 -25.23 -4.90
N ALA B 67 6.95 -26.41 -4.29
CA ALA B 67 7.16 -27.68 -5.01
C ALA B 67 6.16 -27.81 -6.15
N LYS B 68 4.88 -27.53 -5.86
CA LYS B 68 3.83 -27.60 -6.88
C LYS B 68 4.02 -26.58 -8.00
N ILE B 69 4.55 -25.41 -7.66
CA ILE B 69 4.80 -24.40 -8.66
C ILE B 69 5.86 -24.91 -9.64
N LYS B 70 7.03 -25.30 -9.10
CA LYS B 70 8.11 -25.95 -9.89
C LYS B 70 7.64 -27.07 -10.84
N GLU B 71 6.72 -27.91 -10.39
CA GLU B 71 6.19 -28.98 -11.21
C GLU B 71 5.31 -28.49 -12.33
N MET B 72 4.46 -27.50 -12.05
CA MET B 72 3.66 -26.90 -13.13
C MET B 72 4.56 -26.47 -14.30
N PHE B 73 5.68 -25.80 -14.01
CA PHE B 73 6.59 -25.40 -15.13
C PHE B 73 7.20 -26.59 -15.82
N GLN B 74 7.53 -27.60 -15.03
CA GLN B 74 7.92 -28.93 -15.62
C GLN B 74 6.80 -29.57 -16.49
N GLN B 75 5.53 -29.41 -16.09
CA GLN B 75 4.36 -29.81 -16.91
C GLN B 75 4.19 -29.03 -18.22
N ILE B 76 4.29 -27.72 -18.20
CA ILE B 76 4.33 -26.89 -19.42
C ILE B 76 5.43 -27.34 -20.39
N ASP B 77 6.62 -27.57 -19.87
CA ASP B 77 7.71 -28.12 -20.68
C ASP B 77 7.33 -29.54 -21.23
N GLU B 78 6.80 -30.41 -20.38
CA GLU B 78 6.29 -31.72 -20.82
C GLU B 78 5.18 -31.64 -21.89
N THR B 79 4.22 -30.71 -21.74
CA THR B 79 3.10 -30.58 -22.67
C THR B 79 3.42 -29.78 -23.94
N PHE B 80 4.07 -28.63 -23.80
CA PHE B 80 4.27 -27.73 -24.95
C PHE B 80 5.75 -27.57 -25.22
N GLY B 81 6.58 -27.89 -24.24
CA GLY B 81 8.01 -27.76 -24.45
C GLY B 81 8.55 -26.34 -24.65
N ARG B 82 7.75 -25.31 -24.32
CA ARG B 82 8.20 -23.89 -24.44
C ARG B 82 7.35 -22.97 -23.56
N LEU B 83 7.75 -21.70 -23.41
CA LEU B 83 6.99 -20.67 -22.66
C LEU B 83 7.45 -19.33 -23.17
N ASP B 84 6.51 -18.58 -23.74
CA ASP B 84 6.79 -17.33 -24.44
C ASP B 84 6.23 -16.10 -23.67
N VAL B 85 5.15 -16.27 -22.92
CA VAL B 85 4.57 -15.13 -22.21
C VAL B 85 4.05 -15.65 -20.89
N PHE B 86 4.44 -14.95 -19.83
CA PHE B 86 4.00 -15.31 -18.50
C PHE B 86 3.25 -14.10 -17.91
N VAL B 87 1.94 -14.23 -17.70
CA VAL B 87 1.18 -13.23 -16.99
C VAL B 87 1.14 -13.63 -15.53
N ASN B 88 1.97 -12.94 -14.76
CA ASN B 88 2.27 -13.27 -13.38
C ASN B 88 1.22 -12.55 -12.54
N ASN B 89 0.13 -13.25 -12.24
CA ASN B 89 -1.13 -12.64 -11.82
C ASN B 89 -1.32 -12.50 -10.31
N ALA B 90 -1.04 -11.36 -9.73
CA ALA B 90 -1.46 -11.16 -8.37
C ALA B 90 -2.69 -10.23 -8.32
N ALA B 91 -3.46 -10.16 -9.39
CA ALA B 91 -4.63 -9.31 -9.35
C ALA B 91 -5.86 -10.21 -9.35
N SER B 92 -5.73 -11.47 -8.89
CA SER B 92 -6.90 -12.37 -9.03
C SER B 92 -7.96 -12.28 -7.93
N GLY B 93 -7.64 -11.61 -6.83
CA GLY B 93 -8.53 -11.61 -5.67
C GLY B 93 -8.57 -12.95 -4.89
N VAL B 94 -7.84 -13.97 -5.35
CA VAL B 94 -7.63 -15.22 -4.58
C VAL B 94 -7.15 -14.92 -3.18
N LEU B 95 -7.66 -15.63 -2.18
CA LEU B 95 -7.20 -15.36 -0.82
C LEU B 95 -6.15 -16.40 -0.45
N ARG B 96 -5.24 -16.07 0.45
CA ARG B 96 -4.28 -17.06 0.93
C ARG B 96 -4.33 -17.06 2.44
N PRO B 97 -3.88 -18.14 3.09
CA PRO B 97 -3.79 -18.14 4.59
C PRO B 97 -2.81 -17.09 5.14
N VAL B 98 -3.25 -16.32 6.16
CA VAL B 98 -2.40 -15.32 6.81
C VAL B 98 -1.29 -16.01 7.61
N MET B 99 -0.06 -15.55 7.43
CA MET B 99 1.08 -16.05 8.19
C MET B 99 1.12 -15.28 9.51
N GLU B 100 1.73 -15.84 10.55
CA GLU B 100 1.45 -15.26 11.87
C GLU B 100 2.17 -13.90 12.10
N LEU B 101 3.43 -13.83 11.71
CA LEU B 101 4.11 -12.54 11.69
C LEU B 101 3.30 -11.40 11.04
N GLU B 102 2.54 -11.69 9.99
CA GLU B 102 2.06 -10.59 9.18
C GLU B 102 0.92 -9.82 9.85
N GLU B 103 0.40 -10.42 10.91
CA GLU B 103 -0.44 -9.69 11.84
C GLU B 103 0.25 -8.40 12.36
N THR B 104 1.56 -8.42 12.50
CA THR B 104 2.24 -7.26 13.13
C THR B 104 2.32 -6.01 12.26
N HIS B 105 2.42 -6.19 10.95
CA HIS B 105 2.60 -5.01 10.10
C HIS B 105 2.26 -5.29 8.66
N TRP B 106 1.63 -4.33 7.99
CA TRP B 106 1.34 -4.44 6.56
C TRP B 106 2.58 -4.83 5.75
N ASP B 107 3.73 -4.27 6.09
CA ASP B 107 4.96 -4.61 5.34
C ASP B 107 5.21 -6.10 5.19
N TRP B 108 4.88 -6.94 6.20
CA TRP B 108 5.15 -8.35 6.06
C TRP B 108 4.26 -8.99 5.01
N THR B 109 2.99 -8.57 4.92
CA THR B 109 2.13 -9.06 3.83
C THR B 109 2.67 -8.69 2.47
N MET B 110 3.10 -7.44 2.36
CA MET B 110 3.67 -7.00 1.09
C MET B 110 4.95 -7.80 0.76
N ASN B 111 5.79 -8.09 1.78
CA ASN B 111 6.99 -8.88 1.54
C ASN B 111 6.69 -10.30 1.05
N ILE B 112 5.73 -10.99 1.69
CA ILE B 112 5.35 -12.35 1.24
C ILE B 112 4.74 -12.29 -0.15
N ASN B 113 3.85 -11.34 -0.40
CA ASN B 113 3.25 -11.24 -1.75
C ASN B 113 4.28 -10.94 -2.82
N ALA B 114 5.18 -10.02 -2.54
CA ALA B 114 6.23 -9.69 -3.54
C ALA B 114 7.18 -10.87 -3.79
N LYS B 115 7.50 -11.61 -2.74
CA LYS B 115 8.38 -12.77 -2.85
C LYS B 115 7.76 -13.82 -3.71
N ALA B 116 6.43 -13.94 -3.68
CA ALA B 116 5.74 -14.91 -4.52
C ALA B 116 5.80 -14.54 -5.98
N LEU B 117 5.54 -13.28 -6.28
CA LEU B 117 5.72 -12.81 -7.64
C LEU B 117 7.15 -13.02 -8.08
N LEU B 118 8.10 -12.71 -7.25
CA LEU B 118 9.49 -12.90 -7.67
C LEU B 118 9.76 -14.35 -7.98
N PHE B 119 9.34 -15.24 -7.08
CA PHE B 119 9.72 -16.65 -7.23
C PHE B 119 9.10 -17.26 -8.53
N CYS B 120 7.90 -16.85 -8.86
CA CYS B 120 7.26 -17.40 -10.04
C CYS B 120 7.93 -16.94 -11.30
N ALA B 121 8.32 -15.69 -11.32
CA ALA B 121 8.86 -15.12 -12.53
C ALA B 121 10.20 -15.76 -12.79
N GLN B 122 10.93 -16.07 -11.72
CA GLN B 122 12.26 -16.69 -11.79
C GLN B 122 12.17 -18.15 -12.28
N GLU B 123 11.22 -18.89 -11.72
CA GLU B 123 10.85 -20.21 -12.24
C GLU B 123 10.46 -20.14 -13.70
N ALA B 124 9.62 -19.16 -14.10
CA ALA B 124 9.24 -19.07 -15.50
C ALA B 124 10.46 -18.79 -16.32
N ALA B 125 11.28 -17.88 -15.86
CA ALA B 125 12.46 -17.52 -16.63
C ALA B 125 13.37 -18.72 -16.93
N LYS B 126 13.52 -19.67 -16.04
CA LYS B 126 14.46 -20.82 -16.33
C LYS B 126 13.99 -21.57 -17.58
N LEU B 127 12.69 -21.80 -17.62
CA LEU B 127 12.01 -22.38 -18.77
C LEU B 127 12.10 -21.56 -20.02
N MET B 128 11.98 -20.23 -19.92
CA MET B 128 11.97 -19.40 -21.12
C MET B 128 13.38 -19.35 -21.73
N GLU B 129 14.38 -19.61 -20.90
CA GLU B 129 15.73 -19.62 -21.39
C GLU B 129 15.86 -20.54 -22.61
N LYS B 130 15.18 -21.68 -22.55
CA LYS B 130 15.31 -22.72 -23.54
C LYS B 130 14.68 -22.41 -24.91
N ASN B 131 13.85 -21.37 -25.00
CA ASN B 131 13.28 -21.00 -26.31
C ASN B 131 13.59 -19.55 -26.68
N GLY B 132 14.73 -19.02 -26.19
CA GLY B 132 15.17 -17.65 -26.48
C GLY B 132 14.49 -16.55 -25.68
N GLY B 133 14.02 -16.88 -24.47
CA GLY B 133 13.34 -15.89 -23.60
C GLY B 133 11.86 -15.62 -23.91
N GLY B 134 11.39 -14.40 -23.64
CA GLY B 134 10.00 -14.00 -23.82
C GLY B 134 9.56 -12.73 -23.05
N HIS B 135 8.34 -12.76 -22.52
CA HIS B 135 7.77 -11.56 -21.87
C HIS B 135 7.22 -12.02 -20.58
N ILE B 136 7.49 -11.24 -19.54
CA ILE B 136 6.79 -11.47 -18.31
C ILE B 136 6.07 -10.15 -17.93
N VAL B 137 4.81 -10.19 -17.58
CA VAL B 137 4.11 -9.02 -17.06
C VAL B 137 3.51 -9.43 -15.73
N SER B 138 3.86 -8.73 -14.64
CA SER B 138 3.17 -8.98 -13.36
C SER B 138 2.03 -8.01 -13.21
N ILE B 139 0.88 -8.50 -12.78
CA ILE B 139 -0.25 -7.60 -12.66
C ILE B 139 -0.68 -7.71 -11.23
N SER B 140 -1.28 -6.66 -10.70
CA SER B 140 -1.62 -6.68 -9.29
C SER B 140 -2.78 -5.74 -9.00
N SER B 141 -3.58 -6.17 -8.03
CA SER B 141 -4.67 -5.38 -7.49
C SER B 141 -4.76 -5.64 -6.01
N LEU B 142 -4.91 -4.60 -5.22
CA LEU B 142 -5.22 -4.79 -3.79
C LEU B 142 -6.76 -4.68 -3.58
N GLY B 143 -7.53 -5.34 -4.44
CA GLY B 143 -9.02 -5.33 -4.38
C GLY B 143 -9.51 -6.07 -3.14
N SER B 144 -10.82 -6.25 -2.96
CA SER B 144 -11.30 -7.06 -1.80
C SER B 144 -10.22 -7.52 -0.75
N ILE B 145 -9.61 -6.58 -0.01
CA ILE B 145 -9.15 -6.92 1.33
C ILE B 145 -10.43 -6.78 2.18
N ARG B 146 -11.35 -7.72 1.96
CA ARG B 146 -12.64 -7.76 2.68
C ARG B 146 -12.42 -8.15 4.14
N TYR B 147 -13.04 -9.27 4.51
CA TYR B 147 -12.79 -9.89 5.78
C TYR B 147 -12.94 -11.37 5.64
N LEU B 148 -12.22 -12.06 6.51
CA LEU B 148 -12.23 -13.47 6.64
C LEU B 148 -11.02 -13.77 7.50
N GLU B 149 -11.18 -13.68 8.82
CA GLU B 149 -10.06 -14.04 9.73
C GLU B 149 -9.25 -15.22 9.24
N ASN B 150 -7.95 -15.02 9.12
CA ASN B 150 -7.00 -16.01 8.61
C ASN B 150 -6.84 -16.01 7.07
N TYR B 151 -7.43 -15.02 6.40
CA TYR B 151 -7.24 -14.89 4.95
C TYR B 151 -6.88 -13.48 4.48
N THR B 152 -5.92 -13.38 3.55
CA THR B 152 -5.46 -12.09 2.99
C THR B 152 -5.24 -12.14 1.50
N THR B 153 -5.14 -10.95 0.94
CA THR B 153 -4.82 -10.73 -0.44
C THR B 153 -3.47 -11.37 -0.84
N VAL B 154 -3.34 -11.81 -2.07
CA VAL B 154 -2.06 -12.15 -2.68
C VAL B 154 -1.48 -10.92 -3.41
N GLY B 155 -2.24 -9.79 -3.39
CA GLY B 155 -1.86 -8.61 -4.16
C GLY B 155 -0.66 -7.86 -3.60
N VAL B 156 -0.04 -7.04 -4.41
CA VAL B 156 1.07 -6.25 -3.95
C VAL B 156 0.77 -4.77 -4.25
N SER B 157 1.31 -3.89 -3.41
CA SER B 157 1.17 -2.45 -3.61
C SER B 157 2.06 -1.94 -4.76
N LYS B 158 1.81 -0.69 -5.15
CA LYS B 158 2.50 -0.12 -6.31
C LYS B 158 4.01 -0.09 -6.10
N ALA B 159 4.40 0.39 -4.94
CA ALA B 159 5.79 0.56 -4.64
C ALA B 159 6.50 -0.78 -4.63
N ALA B 160 5.89 -1.79 -4.04
CA ALA B 160 6.51 -3.09 -4.06
C ALA B 160 6.55 -3.68 -5.47
N LEU B 161 5.43 -3.55 -6.22
CA LEU B 161 5.39 -3.98 -7.60
C LEU B 161 6.48 -3.25 -8.44
N GLU B 162 6.60 -1.95 -8.30
CA GLU B 162 7.61 -1.21 -9.01
C GLU B 162 8.98 -1.68 -8.67
N ALA B 163 9.32 -1.80 -7.37
CA ALA B 163 10.69 -2.25 -7.01
C ALA B 163 11.00 -3.69 -7.53
N LEU B 164 10.02 -4.61 -7.55
CA LEU B 164 10.34 -5.97 -7.95
C LEU B 164 10.45 -6.08 -9.47
N THR B 165 9.78 -5.18 -10.13
CA THR B 165 9.76 -5.18 -11.57
C THR B 165 11.04 -4.54 -12.08
N ARG B 166 11.46 -3.50 -11.42
CA ARG B 166 12.81 -2.97 -11.67
C ARG B 166 13.88 -4.07 -11.54
N TYR B 167 13.84 -4.72 -10.40
CA TYR B 167 14.77 -5.80 -10.16
C TYR B 167 14.73 -6.88 -11.28
N LEU B 168 13.58 -7.51 -11.52
CA LEU B 168 13.47 -8.51 -12.60
C LEU B 168 13.98 -8.05 -13.98
N ALA B 169 13.73 -6.82 -14.35
CA ALA B 169 14.10 -6.36 -15.68
C ALA B 169 15.59 -6.29 -15.76
N VAL B 170 16.23 -5.82 -14.70
CA VAL B 170 17.69 -5.73 -14.62
C VAL B 170 18.34 -7.14 -14.63
N GLU B 171 17.75 -8.08 -13.89
CA GLU B 171 18.22 -9.43 -13.87
C GLU B 171 17.96 -10.19 -15.17
N LEU B 172 16.84 -9.93 -15.88
CA LEU B 172 16.47 -10.77 -17.00
C LEU B 172 16.58 -10.21 -18.41
N SER B 173 16.58 -8.89 -18.60
CA SER B 173 16.84 -8.30 -19.95
C SER B 173 18.05 -8.99 -20.63
N PRO B 174 19.18 -9.16 -19.92
CA PRO B 174 20.34 -9.91 -20.44
C PRO B 174 19.97 -11.32 -20.96
N LYS B 175 18.83 -11.87 -20.54
CA LYS B 175 18.36 -13.19 -21.03
C LYS B 175 17.24 -13.06 -22.04
N GLN B 176 17.01 -11.84 -22.52
CA GLN B 176 16.02 -11.60 -23.61
C GLN B 176 14.62 -11.86 -23.12
N ILE B 177 14.42 -11.57 -21.84
CA ILE B 177 13.12 -11.62 -21.22
C ILE B 177 12.73 -10.21 -20.89
N ILE B 178 11.68 -9.74 -21.55
CA ILE B 178 11.18 -8.37 -21.34
C ILE B 178 10.23 -8.32 -20.13
N VAL B 179 10.56 -7.54 -19.09
CA VAL B 179 9.73 -7.59 -17.85
C VAL B 179 9.08 -6.25 -17.56
N ASN B 180 7.76 -6.24 -17.43
CA ASN B 180 6.98 -5.04 -17.04
C ASN B 180 5.87 -5.37 -16.08
N ALA B 181 5.09 -4.40 -15.66
CA ALA B 181 4.03 -4.72 -14.72
C ALA B 181 2.86 -3.76 -14.89
N VAL B 182 1.68 -4.21 -14.48
CA VAL B 182 0.48 -3.38 -14.49
C VAL B 182 -0.09 -3.48 -13.08
N SER B 183 -0.26 -2.32 -12.44
CA SER B 183 -0.82 -2.27 -11.11
C SER B 183 -2.17 -1.72 -11.27
N GLY B 184 -2.34 -0.80 -12.18
CA GLY B 184 -3.68 -0.55 -12.57
C GLY B 184 -4.32 -1.19 -11.36
N GLY B 185 -4.76 -0.37 -10.41
CA GLY B 185 -5.05 -0.92 -9.11
C GLY B 185 -5.99 -2.04 -9.28
N ALA B 186 -6.46 -2.24 -10.52
CA ALA B 186 -7.50 -3.17 -10.90
C ALA B 186 -8.99 -2.82 -10.63
N ILE B 187 -9.85 -3.76 -10.97
CA ILE B 187 -11.25 -3.54 -11.23
C ILE B 187 -12.13 -3.64 -10.02
N ASP B 188 -12.78 -2.54 -9.74
CA ASP B 188 -13.31 -2.25 -8.41
C ASP B 188 -14.78 -2.31 -8.59
N THR B 189 -15.12 -2.07 -9.85
CA THR B 189 -16.35 -2.45 -10.45
C THR B 189 -16.29 -3.94 -10.32
N ASP B 190 -17.22 -4.61 -10.97
CA ASP B 190 -17.15 -6.01 -11.17
C ASP B 190 -17.91 -6.78 -10.12
N ALA B 191 -18.92 -7.51 -10.60
CA ALA B 191 -19.53 -8.64 -9.93
C ALA B 191 -18.46 -9.66 -9.46
N LEU B 192 -17.21 -9.45 -9.81
CA LEU B 192 -16.08 -10.12 -9.15
C LEU B 192 -15.82 -9.56 -7.69
N LYS B 193 -16.60 -10.07 -6.73
CA LYS B 193 -16.66 -9.57 -5.35
C LYS B 193 -17.89 -10.10 -4.57
N HIS B 194 -17.65 -11.07 -3.69
CA HIS B 194 -18.73 -11.92 -3.09
C HIS B 194 -19.28 -11.47 -1.72
N PHE B 195 -19.85 -10.29 -1.80
CA PHE B 195 -20.48 -9.66 -0.70
C PHE B 195 -21.96 -9.78 -0.95
N PRO B 196 -22.71 -10.19 0.09
CA PRO B 196 -24.17 -10.27 -0.02
C PRO B 196 -24.71 -8.98 -0.62
N ASN B 197 -24.24 -7.82 -0.15
CA ASN B 197 -24.63 -6.50 -0.70
C ASN B 197 -24.03 -6.11 -2.07
N ARG B 198 -23.26 -7.00 -2.68
CA ARG B 198 -22.66 -6.83 -4.03
C ARG B 198 -23.13 -5.58 -4.77
N GLU B 199 -24.45 -5.42 -4.82
CA GLU B 199 -25.05 -4.40 -5.65
C GLU B 199 -24.97 -3.05 -5.01
N ASP B 200 -25.24 -2.99 -3.72
CA ASP B 200 -25.26 -1.71 -3.04
C ASP B 200 -23.82 -1.10 -3.02
N LEU B 201 -22.81 -1.97 -3.09
CA LEU B 201 -21.40 -1.59 -3.02
C LEU B 201 -20.90 -1.05 -4.35
N LEU B 202 -21.39 -1.61 -5.45
CA LEU B 202 -21.02 -1.14 -6.76
C LEU B 202 -21.52 0.28 -6.94
N GLU B 203 -22.82 0.48 -6.72
CA GLU B 203 -23.39 1.84 -6.72
C GLU B 203 -22.68 2.83 -5.75
N ASP B 204 -22.13 2.34 -4.64
CA ASP B 204 -21.32 3.21 -3.76
C ASP B 204 -19.98 3.52 -4.47
N ALA B 205 -19.30 2.49 -4.98
CA ALA B 205 -18.09 2.73 -5.81
C ALA B 205 -18.38 3.69 -6.95
N ARG B 206 -19.54 3.57 -7.56
CA ARG B 206 -19.89 4.36 -8.75
C ARG B 206 -20.18 5.81 -8.37
N GLN B 207 -20.84 6.00 -7.25
CA GLN B 207 -21.16 7.35 -6.85
C GLN B 207 -19.96 8.15 -6.31
N ASN B 208 -18.85 7.47 -6.00
CA ASN B 208 -17.63 8.18 -5.52
C ASN B 208 -16.50 8.39 -6.50
N THR B 209 -16.72 7.93 -7.71
CA THR B 209 -15.68 8.05 -8.70
C THR B 209 -16.16 8.86 -9.89
N PRO B 210 -15.32 9.80 -10.38
CA PRO B 210 -15.81 10.64 -11.46
C PRO B 210 -16.41 9.81 -12.60
N ALA B 211 -17.39 10.41 -13.26
CA ALA B 211 -18.08 9.79 -14.34
C ALA B 211 -17.13 9.43 -15.47
N GLY B 212 -17.36 8.24 -16.02
CA GLY B 212 -16.62 7.73 -17.16
C GLY B 212 -15.23 7.23 -16.77
N ARG B 213 -14.97 7.13 -15.45
CA ARG B 213 -13.63 6.85 -14.97
C ARG B 213 -13.49 5.59 -14.13
N MET B 214 -14.47 4.70 -14.28
CA MET B 214 -14.50 3.42 -13.54
C MET B 214 -13.71 2.40 -14.33
N VAL B 215 -12.54 1.98 -13.85
CA VAL B 215 -11.78 0.93 -14.62
C VAL B 215 -12.51 -0.38 -14.66
N GLU B 216 -12.37 -1.07 -15.80
CA GLU B 216 -12.86 -2.45 -15.99
C GLU B 216 -11.70 -3.41 -16.36
N ILE B 217 -11.99 -4.70 -16.29
CA ILE B 217 -11.00 -5.74 -16.45
C ILE B 217 -10.33 -5.47 -17.80
N LYS B 218 -11.15 -5.16 -18.80
CA LYS B 218 -10.62 -5.03 -20.16
C LYS B 218 -9.55 -3.95 -20.31
N ASP B 219 -9.59 -2.95 -19.46
CA ASP B 219 -8.54 -1.95 -19.50
C ASP B 219 -7.20 -2.52 -19.01
N MET B 220 -7.20 -3.36 -17.98
CA MET B 220 -5.92 -3.94 -17.52
C MET B 220 -5.43 -4.90 -18.61
N VAL B 221 -6.38 -5.57 -19.24
CA VAL B 221 -6.05 -6.56 -20.27
C VAL B 221 -5.49 -5.88 -21.49
N ASP B 222 -6.06 -4.73 -21.89
CA ASP B 222 -5.54 -3.96 -23.07
C ASP B 222 -4.08 -3.53 -22.86
N THR B 223 -3.71 -3.16 -21.62
CA THR B 223 -2.33 -2.78 -21.35
C THR B 223 -1.43 -4.01 -21.42
N VAL B 224 -1.84 -5.10 -20.77
CA VAL B 224 -1.06 -6.36 -20.80
C VAL B 224 -0.79 -6.79 -22.25
N GLU B 225 -1.84 -6.78 -23.06
CA GLU B 225 -1.75 -7.07 -24.50
C GLU B 225 -0.83 -6.11 -25.27
N PHE B 226 -0.93 -4.82 -25.06
CA PHE B 226 0.06 -3.93 -25.64
C PHE B 226 1.51 -4.23 -25.20
N LEU B 227 1.70 -4.48 -23.90
CA LEU B 227 3.06 -4.82 -23.35
C LEU B 227 3.64 -6.11 -23.93
N VAL B 228 2.78 -7.03 -24.36
CA VAL B 228 3.27 -8.26 -24.91
C VAL B 228 3.23 -8.34 -26.43
N SER B 229 2.82 -7.26 -27.10
CA SER B 229 2.71 -7.24 -28.57
C SER B 229 4.11 -6.92 -29.09
N SER B 230 4.28 -6.91 -30.40
CA SER B 230 5.63 -6.60 -30.86
C SER B 230 5.96 -5.13 -30.59
N LYS B 231 4.92 -4.28 -30.40
CA LYS B 231 5.10 -2.82 -30.40
C LYS B 231 5.72 -2.23 -29.12
N ALA B 232 6.05 -3.09 -28.16
CA ALA B 232 6.45 -2.64 -26.85
C ALA B 232 7.83 -3.19 -26.43
N ASP B 233 8.63 -3.71 -27.37
CA ASP B 233 9.87 -4.42 -26.96
C ASP B 233 10.94 -3.56 -26.27
N MET B 234 10.95 -2.28 -26.56
CA MET B 234 11.90 -1.40 -25.86
C MET B 234 11.45 -0.85 -24.52
N ILE B 235 10.32 -1.29 -23.99
CA ILE B 235 9.88 -0.88 -22.65
C ILE B 235 10.33 -1.95 -21.67
N ARG B 236 11.11 -1.55 -20.69
CA ARG B 236 11.76 -2.49 -19.74
C ARG B 236 11.62 -2.00 -18.32
N GLY B 237 11.12 -2.88 -17.48
CA GLY B 237 11.11 -2.60 -16.08
C GLY B 237 10.15 -1.49 -15.71
N GLN B 238 9.14 -1.21 -16.56
CA GLN B 238 8.12 -0.21 -16.24
C GLN B 238 6.91 -0.83 -15.49
N THR B 239 6.32 -0.07 -14.58
CA THR B 239 5.08 -0.39 -13.92
C THR B 239 4.04 0.72 -14.25
N ILE B 240 2.98 0.35 -14.97
CA ILE B 240 1.88 1.20 -15.36
C ILE B 240 0.66 1.10 -14.38
N ILE B 241 0.20 2.21 -13.86
CA ILE B 241 -1.02 2.18 -13.08
C ILE B 241 -2.17 2.40 -14.09
N VAL B 242 -3.14 1.51 -14.12
CA VAL B 242 -4.33 1.64 -15.00
C VAL B 242 -5.53 1.68 -14.06
N ASP B 243 -6.03 2.86 -13.71
CA ASP B 243 -7.14 2.95 -12.70
C ASP B 243 -7.99 4.19 -12.85
N GLY B 244 -7.88 4.86 -14.00
CA GLY B 244 -8.57 6.11 -14.18
C GLY B 244 -8.22 7.23 -13.17
N GLY B 245 -7.05 7.14 -12.56
CA GLY B 245 -6.63 8.15 -11.56
C GLY B 245 -7.12 7.86 -10.16
N ARG B 246 -7.76 6.72 -9.95
CA ARG B 246 -8.40 6.43 -8.65
C ARG B 246 -7.45 6.59 -7.49
N SER B 247 -6.24 6.05 -7.64
CA SER B 247 -5.25 6.15 -6.53
C SER B 247 -4.79 7.56 -6.19
N LEU B 248 -5.06 8.58 -7.05
CA LEU B 248 -4.77 9.99 -6.62
C LEU B 248 -5.98 10.90 -6.50
N LEU B 249 -7.17 10.30 -6.44
CA LEU B 249 -8.42 11.06 -6.30
C LEU B 249 -8.35 12.08 -5.17
N VAL B 250 -7.59 11.72 -4.13
CA VAL B 250 -7.34 12.60 -3.00
C VAL B 250 -6.76 13.94 -3.46
N LEU B 251 -5.83 13.89 -4.41
CA LEU B 251 -5.23 15.14 -4.88
C LEU B 251 -6.22 15.93 -5.67
N GLU B 252 -7.06 15.25 -6.45
CA GLU B 252 -8.04 15.94 -7.27
C GLU B 252 -9.12 16.58 -6.40
N HIS B 253 -9.62 15.88 -5.38
CA HIS B 253 -10.54 16.49 -4.38
C HIS B 253 -9.91 17.76 -3.84
N HIS B 254 -8.63 17.65 -3.44
CA HIS B 254 -7.91 18.74 -2.85
C HIS B 254 -7.71 19.88 -3.85
N HIS B 255 -7.07 19.58 -5.00
CA HIS B 255 -7.20 20.35 -6.28
C HIS B 255 -5.96 21.01 -6.94
#